data_1T6E
#
_entry.id   1T6E
#
_cell.length_a   50.259
_cell.length_b   66.722
_cell.length_c   106.063
_cell.angle_alpha   90.00
_cell.angle_beta   90.00
_cell.angle_gamma   90.00
#
_symmetry.space_group_name_H-M   'P 21 21 21'
#
loop_
_entity.id
_entity.type
_entity.pdbx_description
1 polymer 'xylanase inhibitor'
2 non-polymer GLYCEROL
3 water water
#
_entity_poly.entity_id   1
_entity_poly.type   'polypeptide(L)'
_entity_poly.pdbx_seq_one_letter_code
;LPVLAPVTKDPATSLYTIPFHDGASLVLDVAGPLVWSTCDGGQPPAEIPCSSPTCLLANAYPAPGCPAPSCGSDKHDKPC
TAYPYNPVSGACAAGSLSHTRFVANTTDGSKPVSKVNVGVLAACAPSKLLASLPRGSTGVAGLANSGLALPAQVASAQKV
ANRFLLCLPTGGPGVAIFGGGPVPWPQFTQSMPYTPLVTKGGSPAHYISARSIVVGDTRVPVPEGALATGGVMLSTRLPY
VLLRPDVYRPLMDAFTKALAAQHANGAPVARAVEAVAPFGVCYDTKTLGNNLGGYAVPNVQLGLDGGSDWTMTGKNSMVD
VKQGTACVAFVEMKGVAAGDGRAPAVILGGAQMEDFVLDFDMEKKRLGFSRLPHFTGCGGL
;
_entity_poly.pdbx_strand_id   X
#
loop_
_chem_comp.id
_chem_comp.type
_chem_comp.name
_chem_comp.formula
GOL non-polymer GLYCEROL 'C3 H8 O3'
#
# COMPACT_ATOMS: atom_id res chain seq x y z
N LEU A 1 -15.41 -0.01 18.82
CA LEU A 1 -14.06 0.62 18.75
C LEU A 1 -13.38 0.22 17.43
N PRO A 2 -12.36 0.98 17.04
CA PRO A 2 -11.54 0.59 15.87
C PRO A 2 -10.91 -0.81 16.04
N VAL A 3 -10.55 -1.41 14.91
CA VAL A 3 -10.15 -2.81 14.84
C VAL A 3 -8.67 -2.89 14.46
N LEU A 4 -7.91 -3.63 15.26
CA LEU A 4 -6.47 -3.75 15.14
C LEU A 4 -6.11 -5.10 14.63
N ALA A 5 -5.23 -5.16 13.63
CA ALA A 5 -4.65 -6.42 13.20
C ALA A 5 -3.14 -6.26 13.01
N PRO A 6 -2.37 -7.28 13.34
CA PRO A 6 -0.92 -7.21 13.08
C PRO A 6 -0.63 -7.44 11.62
N VAL A 7 0.41 -6.77 11.13
CA VAL A 7 0.84 -6.85 9.74
C VAL A 7 2.16 -7.61 9.62
N THR A 8 2.18 -8.61 8.73
CA THR A 8 3.40 -9.34 8.39
C THR A 8 3.88 -9.08 6.97
N LYS A 9 5.16 -8.75 6.82
CA LYS A 9 5.79 -8.68 5.52
C LYS A 9 6.23 -10.09 5.12
N ASP A 10 5.64 -10.63 4.06
CA ASP A 10 6.00 -11.96 3.56
C ASP A 10 7.41 -11.99 2.99
N PRO A 11 8.33 -12.81 3.53
CA PRO A 11 9.72 -12.83 3.04
C PRO A 11 9.84 -13.16 1.53
N ALA A 12 9.06 -14.12 1.04
CA ALA A 12 9.19 -14.57 -0.34
C ALA A 12 8.67 -13.56 -1.36
N THR A 13 7.53 -12.92 -1.08
CA THR A 13 6.88 -12.02 -2.02
C THR A 13 7.07 -10.52 -1.71
N SER A 14 7.48 -10.19 -0.49
CA SER A 14 7.54 -8.81 0.02
C SER A 14 6.16 -8.14 0.14
N LEU A 15 5.08 -8.90 0.00
CA LEU A 15 3.74 -8.35 0.18
C LEU A 15 3.42 -8.33 1.68
N TYR A 16 2.44 -7.52 2.08
CA TYR A 16 2.01 -7.38 3.46
C TYR A 16 0.65 -8.04 3.65
N THR A 17 0.52 -8.80 4.75
CA THR A 17 -0.71 -9.52 5.10
C THR A 17 -1.19 -9.22 6.52
N ILE A 18 -2.47 -9.43 6.73
CA ILE A 18 -3.09 -9.44 8.04
C ILE A 18 -3.87 -10.75 8.22
N PRO A 19 -4.02 -11.20 9.45
CA PRO A 19 -4.87 -12.38 9.72
C PRO A 19 -6.31 -12.01 9.41
N PHE A 20 -7.05 -12.95 8.84
CA PHE A 20 -8.41 -12.71 8.38
C PHE A 20 -9.33 -13.56 9.23
N HIS A 21 -9.23 -14.88 9.11
CA HIS A 21 -9.89 -15.80 10.03
C HIS A 21 -9.25 -17.20 9.89
N ASP A 22 -9.29 -18.00 10.94
CA ASP A 22 -8.93 -19.43 10.83
C ASP A 22 -7.57 -19.72 10.24
N GLY A 23 -6.56 -18.95 10.64
CA GLY A 23 -5.19 -19.12 10.17
C GLY A 23 -4.86 -18.51 8.82
N ALA A 24 -5.90 -18.15 8.07
CA ALA A 24 -5.78 -17.57 6.75
C ALA A 24 -5.50 -16.06 6.87
N SER A 25 -4.65 -15.56 5.99
CA SER A 25 -4.35 -14.14 5.90
C SER A 25 -4.86 -13.54 4.58
N LEU A 26 -4.95 -12.21 4.53
CA LEU A 26 -5.24 -11.51 3.30
C LEU A 26 -4.13 -10.52 3.00
N VAL A 27 -3.84 -10.33 1.72
CA VAL A 27 -2.85 -9.33 1.27
C VAL A 27 -3.47 -7.94 1.35
N LEU A 28 -2.76 -7.00 1.95
CA LEU A 28 -3.20 -5.61 1.98
C LEU A 28 -2.92 -4.99 0.61
N ASP A 29 -3.97 -4.47 -0.03
CA ASP A 29 -3.85 -3.84 -1.34
C ASP A 29 -4.48 -2.46 -1.23
N VAL A 30 -3.66 -1.43 -1.05
CA VAL A 30 -4.22 -0.11 -0.82
C VAL A 30 -4.85 0.51 -2.05
N ALA A 31 -4.72 -0.10 -3.22
CA ALA A 31 -5.43 0.34 -4.42
C ALA A 31 -6.59 -0.58 -4.77
N GLY A 32 -6.82 -1.62 -3.97
CA GLY A 32 -7.86 -2.62 -4.24
C GLY A 32 -9.24 -2.24 -3.71
N PRO A 33 -10.26 -2.34 -4.55
CA PRO A 33 -11.62 -1.96 -4.15
C PRO A 33 -12.50 -2.99 -3.42
N LEU A 34 -12.04 -4.24 -3.38
CA LEU A 34 -12.81 -5.36 -2.84
C LEU A 34 -12.01 -6.11 -1.78
N VAL A 35 -12.74 -6.75 -0.88
CA VAL A 35 -12.23 -7.81 -0.04
C VAL A 35 -12.63 -9.09 -0.75
N TRP A 36 -11.63 -9.93 -1.02
CA TRP A 36 -11.92 -11.23 -1.66
C TRP A 36 -11.06 -12.34 -1.12
N SER A 37 -11.61 -13.55 -1.20
CA SER A 37 -10.95 -14.70 -0.58
C SER A 37 -11.50 -15.93 -1.26
N THR A 38 -10.71 -17.02 -1.24
CA THR A 38 -11.33 -18.32 -1.45
C THR A 38 -12.32 -18.57 -0.31
N CYS A 39 -13.26 -19.47 -0.58
CA CYS A 39 -14.33 -19.76 0.36
C CYS A 39 -14.49 -21.26 0.47
N ASP A 40 -14.90 -21.70 1.65
CA ASP A 40 -15.21 -23.11 1.89
C ASP A 40 -16.19 -23.58 0.85
N GLY A 41 -16.11 -24.87 0.54
CA GLY A 41 -17.10 -25.49 -0.31
C GLY A 41 -18.46 -25.35 0.34
N GLY A 42 -19.46 -25.01 -0.46
CA GLY A 42 -20.80 -24.82 0.05
C GLY A 42 -21.06 -23.55 0.84
N GLN A 43 -20.11 -22.59 0.82
CA GLN A 43 -20.30 -21.28 1.44
C GLN A 43 -21.48 -20.60 0.77
N PRO A 44 -22.52 -20.22 1.51
CA PRO A 44 -23.68 -19.58 0.88
C PRO A 44 -23.36 -18.19 0.32
N PRO A 45 -23.69 -17.93 -0.94
CA PRO A 45 -23.61 -16.57 -1.48
C PRO A 45 -24.67 -15.68 -0.83
N ALA A 46 -24.36 -14.40 -0.65
CA ALA A 46 -25.29 -13.49 -0.02
C ALA A 46 -26.41 -13.22 -1.02
N GLU A 47 -27.59 -12.93 -0.50
CA GLU A 47 -28.78 -12.67 -1.32
C GLU A 47 -28.78 -11.19 -1.73
N ILE A 48 -28.03 -10.90 -2.78
CA ILE A 48 -27.80 -9.54 -3.25
C ILE A 48 -28.10 -9.50 -4.72
N PRO A 49 -29.21 -8.85 -5.09
CA PRO A 49 -29.53 -8.67 -6.51
C PRO A 49 -28.45 -7.82 -7.16
N CYS A 50 -28.21 -8.01 -8.44
CA CYS A 50 -27.22 -7.21 -9.14
C CYS A 50 -27.58 -5.72 -9.21
N SER A 51 -28.86 -5.41 -9.01
CA SER A 51 -29.36 -4.03 -9.05
C SER A 51 -29.23 -3.34 -7.69
N SER A 52 -28.84 -4.11 -6.68
CA SER A 52 -28.76 -3.62 -5.32
C SER A 52 -27.67 -2.54 -5.20
N PRO A 53 -27.87 -1.55 -4.32
CA PRO A 53 -26.80 -0.61 -3.99
C PRO A 53 -25.48 -1.30 -3.61
N THR A 54 -25.57 -2.38 -2.83
CA THR A 54 -24.40 -3.14 -2.40
C THR A 54 -23.67 -3.75 -3.58
N CYS A 55 -24.41 -4.28 -4.55
CA CYS A 55 -23.78 -4.78 -5.77
C CYS A 55 -23.15 -3.69 -6.57
N LEU A 56 -23.81 -2.53 -6.62
CA LEU A 56 -23.26 -1.40 -7.32
C LEU A 56 -21.90 -1.02 -6.69
N LEU A 57 -21.81 -1.02 -5.36
CA LEU A 57 -20.53 -0.73 -4.71
C LEU A 57 -19.48 -1.76 -5.14
N ALA A 58 -19.88 -3.03 -5.23
CA ALA A 58 -18.96 -4.13 -5.58
C ALA A 58 -18.37 -4.02 -6.98
N ASN A 59 -19.12 -3.40 -7.90
CA ASN A 59 -18.64 -3.27 -9.28
C ASN A 59 -18.33 -1.83 -9.70
N ALA A 60 -18.27 -0.92 -8.73
CA ALA A 60 -18.04 0.51 -9.03
C ALA A 60 -16.70 0.85 -9.68
N TYR A 61 -15.70 -0.01 -9.48
CA TYR A 61 -14.34 0.21 -10.01
C TYR A 61 -13.85 -1.05 -10.72
N PRO A 62 -14.31 -1.27 -11.94
CA PRO A 62 -14.07 -2.53 -12.67
C PRO A 62 -12.63 -3.03 -12.67
N ALA A 63 -12.48 -4.34 -12.61
CA ALA A 63 -11.18 -4.99 -12.71
C ALA A 63 -10.71 -4.98 -14.17
N PRO A 64 -9.45 -4.63 -14.43
CA PRO A 64 -8.88 -4.76 -15.78
C PRO A 64 -8.94 -6.19 -16.31
N GLY A 65 -9.45 -6.35 -17.52
CA GLY A 65 -9.48 -7.65 -18.19
C GLY A 65 -10.73 -8.48 -17.96
N CYS A 66 -11.70 -7.95 -17.21
CA CYS A 66 -12.93 -8.70 -16.91
C CYS A 66 -14.20 -7.95 -17.36
N PRO A 67 -15.31 -8.68 -17.58
CA PRO A 67 -16.52 -8.09 -18.16
C PRO A 67 -17.20 -6.98 -17.33
N ALA A 68 -17.88 -7.35 -16.24
CA ALA A 68 -18.96 -6.52 -15.66
C ALA A 68 -20.18 -6.53 -16.59
N PRO A 69 -20.89 -7.68 -16.64
CA PRO A 69 -22.01 -7.85 -17.57
C PRO A 69 -23.27 -7.07 -17.20
N SER A 70 -24.36 -7.37 -17.92
CA SER A 70 -25.54 -6.50 -17.96
C SER A 70 -26.46 -6.66 -16.75
N CYS A 71 -26.66 -5.56 -16.01
CA CYS A 71 -27.74 -5.47 -15.03
C CYS A 71 -28.49 -4.14 -15.20
N LYS A 78 -31.81 -12.50 -9.57
CA LYS A 78 -30.75 -12.33 -10.54
C LYS A 78 -29.44 -11.94 -9.82
N PRO A 79 -28.83 -12.89 -9.10
CA PRO A 79 -27.75 -12.57 -8.14
C PRO A 79 -26.55 -11.72 -8.64
N CYS A 80 -25.84 -11.15 -7.65
CA CYS A 80 -24.73 -10.21 -7.89
C CYS A 80 -23.45 -10.96 -8.22
N THR A 81 -22.76 -10.53 -9.26
CA THR A 81 -21.42 -11.02 -9.53
C THR A 81 -20.43 -9.86 -9.37
N ALA A 82 -19.36 -10.10 -8.61
CA ALA A 82 -18.22 -9.20 -8.57
C ALA A 82 -17.01 -9.85 -9.25
N TYR A 83 -15.94 -9.08 -9.42
CA TYR A 83 -14.77 -9.54 -10.18
C TYR A 83 -13.46 -9.28 -9.42
N PRO A 84 -13.16 -10.15 -8.48
CA PRO A 84 -11.89 -10.08 -7.75
C PRO A 84 -10.68 -10.02 -8.69
N TYR A 85 -9.71 -9.20 -8.30
CA TYR A 85 -8.55 -8.88 -9.10
C TYR A 85 -7.30 -9.17 -8.27
N ASN A 86 -6.41 -10.01 -8.80
CA ASN A 86 -5.09 -10.24 -8.20
C ASN A 86 -4.14 -9.12 -8.60
N PRO A 87 -3.69 -8.31 -7.65
CA PRO A 87 -2.93 -7.11 -7.97
C PRO A 87 -1.48 -7.38 -8.37
N VAL A 88 -1.02 -8.61 -8.21
CA VAL A 88 0.35 -8.98 -8.53
C VAL A 88 0.45 -9.55 -9.95
N SER A 89 -0.42 -10.50 -10.25
CA SER A 89 -0.45 -11.20 -11.54
C SER A 89 -1.33 -10.48 -12.57
N GLY A 90 -2.27 -9.68 -12.09
CA GLY A 90 -3.23 -8.99 -12.93
C GLY A 90 -4.44 -9.83 -13.31
N ALA A 91 -4.51 -11.07 -12.82
CA ALA A 91 -5.59 -11.98 -13.20
C ALA A 91 -6.86 -11.61 -12.44
N CYS A 92 -8.00 -11.87 -13.06
CA CYS A 92 -9.29 -11.67 -12.41
C CYS A 92 -10.22 -12.81 -12.74
N ALA A 93 -11.32 -12.88 -12.00
CA ALA A 93 -12.35 -13.90 -12.21
C ALA A 93 -13.66 -13.53 -11.52
N ALA A 94 -14.73 -14.21 -11.89
CA ALA A 94 -16.03 -14.00 -11.26
C ALA A 94 -16.07 -14.62 -9.88
N GLY A 95 -16.80 -13.97 -8.99
CA GLY A 95 -17.03 -14.50 -7.67
C GLY A 95 -18.28 -13.90 -7.10
N SER A 96 -18.99 -14.69 -6.32
CA SER A 96 -20.20 -14.22 -5.68
C SER A 96 -19.86 -13.60 -4.34
N LEU A 97 -20.45 -12.44 -4.07
CA LEU A 97 -20.36 -11.87 -2.73
C LEU A 97 -20.95 -12.79 -1.69
N SER A 98 -20.29 -12.85 -0.55
CA SER A 98 -20.70 -13.71 0.54
C SER A 98 -20.33 -13.11 1.89
N HIS A 99 -21.17 -13.33 2.88
CA HIS A 99 -20.91 -12.85 4.23
C HIS A 99 -19.81 -13.71 4.85
N THR A 100 -18.85 -13.06 5.51
CA THR A 100 -17.73 -13.74 6.15
C THR A 100 -17.33 -12.89 7.35
N ARG A 101 -16.33 -13.35 8.10
CA ARG A 101 -15.92 -12.68 9.30
C ARG A 101 -14.43 -12.34 9.25
N PHE A 102 -14.13 -11.13 9.71
CA PHE A 102 -12.78 -10.64 9.91
C PHE A 102 -12.59 -10.70 11.43
N VAL A 103 -11.79 -11.66 11.87
CA VAL A 103 -11.52 -11.90 13.29
C VAL A 103 -10.23 -11.21 13.69
N ALA A 104 -10.34 -10.30 14.64
CA ALA A 104 -9.22 -9.45 15.04
C ALA A 104 -9.43 -9.01 16.48
N ASN A 105 -8.88 -7.87 16.88
CA ASN A 105 -9.13 -7.28 18.19
C ASN A 105 -9.60 -5.84 18.03
N THR A 106 -10.38 -5.35 18.98
CA THR A 106 -10.55 -3.90 19.10
C THR A 106 -9.34 -3.27 19.74
N THR A 107 -9.20 -1.96 19.59
CA THR A 107 -8.16 -1.20 20.26
C THR A 107 -8.66 0.19 20.58
N ASP A 108 -8.20 0.70 21.73
CA ASP A 108 -8.41 2.09 22.11
C ASP A 108 -7.18 2.98 21.85
N GLY A 109 -6.23 2.46 21.10
CA GLY A 109 -5.01 3.20 20.83
C GLY A 109 -4.16 2.36 19.94
N SER A 110 -3.29 1.53 20.53
CA SER A 110 -2.47 0.58 19.76
C SER A 110 -2.49 -0.85 20.27
N LYS A 111 -2.98 -1.06 21.50
CA LYS A 111 -2.98 -2.37 22.15
C LYS A 111 -4.35 -3.02 22.06
N PRO A 112 -4.39 -4.35 21.97
CA PRO A 112 -5.66 -5.05 21.86
C PRO A 112 -6.48 -4.92 23.13
N VAL A 113 -7.78 -4.70 22.99
CA VAL A 113 -8.71 -4.67 24.11
C VAL A 113 -9.51 -5.96 24.16
N SER A 114 -10.38 -6.18 23.17
CA SER A 114 -11.24 -7.37 23.10
C SER A 114 -11.09 -8.07 21.78
N LYS A 115 -11.37 -9.36 21.74
CA LYS A 115 -11.56 -10.05 20.47
C LYS A 115 -12.83 -9.49 19.82
N VAL A 116 -12.81 -9.33 18.50
CA VAL A 116 -13.96 -8.87 17.73
C VAL A 116 -14.08 -9.70 16.45
N ASN A 117 -15.31 -10.01 16.05
CA ASN A 117 -15.60 -10.68 14.77
C ASN A 117 -16.40 -9.71 13.93
N VAL A 118 -15.79 -9.14 12.92
CA VAL A 118 -16.46 -8.11 12.12
C VAL A 118 -17.07 -8.75 10.90
N GLY A 119 -18.36 -8.53 10.72
CA GLY A 119 -19.03 -9.05 9.56
C GLY A 119 -18.69 -8.23 8.35
N VAL A 120 -18.17 -8.88 7.31
CA VAL A 120 -17.88 -8.20 6.07
C VAL A 120 -18.35 -8.99 4.86
N LEU A 121 -18.58 -8.30 3.77
CA LEU A 121 -18.89 -8.95 2.50
C LEU A 121 -17.63 -9.13 1.70
N ALA A 122 -17.36 -10.37 1.29
CA ALA A 122 -16.22 -10.64 0.44
C ALA A 122 -16.63 -11.40 -0.80
N ALA A 123 -15.96 -11.16 -1.91
CA ALA A 123 -16.15 -11.94 -3.11
C ALA A 123 -15.39 -13.27 -2.96
N CYS A 124 -16.12 -14.37 -3.21
CA CYS A 124 -15.57 -15.71 -3.16
C CYS A 124 -14.87 -16.03 -4.47
N ALA A 125 -13.55 -16.09 -4.45
CA ALA A 125 -12.73 -16.25 -5.64
C ALA A 125 -12.30 -17.70 -5.83
N PRO A 126 -12.00 -18.09 -7.07
CA PRO A 126 -11.42 -19.41 -7.35
C PRO A 126 -9.98 -19.54 -6.86
N SER A 127 -9.57 -20.74 -6.47
CA SER A 127 -8.21 -21.06 -6.01
C SER A 127 -7.09 -20.58 -6.93
N LYS A 128 -7.32 -20.56 -8.23
CA LYS A 128 -6.28 -20.17 -9.18
C LYS A 128 -5.85 -18.71 -9.05
N LEU A 129 -6.75 -17.87 -8.54
CA LEU A 129 -6.44 -16.46 -8.32
C LEU A 129 -5.40 -16.23 -7.22
N LEU A 130 -5.06 -17.27 -6.46
CA LEU A 130 -4.06 -17.13 -5.39
C LEU A 130 -2.62 -17.19 -5.86
N ALA A 131 -2.39 -17.57 -7.12
CA ALA A 131 -1.05 -17.59 -7.66
C ALA A 131 -0.42 -16.21 -7.51
N SER A 132 0.86 -16.22 -7.09
CA SER A 132 1.68 -15.05 -6.81
C SER A 132 1.40 -14.40 -5.45
N LEU A 133 0.37 -14.85 -4.74
CA LEU A 133 0.11 -14.30 -3.39
C LEU A 133 0.91 -15.09 -2.35
N PRO A 134 1.11 -14.51 -1.15
CA PRO A 134 1.86 -15.22 -0.12
C PRO A 134 1.28 -16.59 0.25
N ARG A 135 2.15 -17.52 0.60
CA ARG A 135 1.68 -18.78 1.12
C ARG A 135 0.86 -18.55 2.39
N GLY A 136 -0.24 -19.28 2.53
CA GLY A 136 -1.13 -19.08 3.66
C GLY A 136 -2.14 -17.95 3.49
N SER A 137 -1.95 -17.09 2.48
CA SER A 137 -2.94 -16.09 2.10
C SER A 137 -4.06 -16.75 1.30
N THR A 138 -5.27 -16.33 1.56
CA THR A 138 -6.42 -16.80 0.81
C THR A 138 -7.08 -15.71 -0.03
N GLY A 139 -6.51 -14.52 -0.06
CA GLY A 139 -7.07 -13.47 -0.89
C GLY A 139 -6.48 -12.11 -0.58
N VAL A 140 -7.27 -11.09 -0.85
CA VAL A 140 -6.84 -9.68 -0.78
C VAL A 140 -7.81 -8.84 0.06
N ALA A 141 -7.23 -8.04 0.94
CA ALA A 141 -7.97 -7.01 1.67
C ALA A 141 -7.76 -5.68 0.95
N GLY A 142 -8.75 -5.28 0.16
CA GLY A 142 -8.67 -4.02 -0.55
C GLY A 142 -8.81 -2.91 0.48
N LEU A 143 -7.91 -1.91 0.44
CA LEU A 143 -7.96 -0.78 1.33
C LEU A 143 -8.11 0.52 0.54
N ALA A 144 -8.61 0.43 -0.69
CA ALA A 144 -8.91 1.60 -1.50
C ALA A 144 -10.10 2.37 -0.98
N ASN A 145 -10.34 3.57 -1.53
CA ASN A 145 -11.49 4.37 -1.19
C ASN A 145 -12.69 3.99 -2.03
N SER A 146 -13.27 2.86 -1.65
CA SER A 146 -14.41 2.24 -2.36
C SER A 146 -15.38 1.73 -1.29
N GLY A 147 -16.66 1.53 -1.63
CA GLY A 147 -17.64 1.19 -0.64
C GLY A 147 -17.53 -0.17 0.01
N LEU A 148 -16.97 -1.15 -0.68
CA LEU A 148 -16.77 -2.47 -0.13
C LEU A 148 -15.32 -2.80 0.18
N ALA A 149 -14.45 -1.79 0.14
CA ALA A 149 -13.11 -2.01 0.68
C ALA A 149 -13.21 -2.28 2.17
N LEU A 150 -12.19 -2.88 2.74
CA LEU A 150 -12.22 -3.24 4.16
C LEU A 150 -12.42 -2.06 5.13
N PRO A 151 -11.73 -0.93 4.94
CA PRO A 151 -11.94 0.18 5.91
C PRO A 151 -13.40 0.67 5.91
N ALA A 152 -13.99 0.83 4.74
CA ALA A 152 -15.38 1.25 4.66
C ALA A 152 -16.32 0.23 5.33
N GLN A 153 -16.04 -1.06 5.15
CA GLN A 153 -16.86 -2.09 5.78
C GLN A 153 -16.71 -2.15 7.29
N VAL A 154 -15.50 -1.98 7.83
CA VAL A 154 -15.31 -1.89 9.27
C VAL A 154 -16.04 -0.67 9.80
N ALA A 155 -16.00 0.42 9.04
CA ALA A 155 -16.63 1.67 9.47
C ALA A 155 -18.13 1.45 9.69
N SER A 156 -18.78 0.80 8.75
CA SER A 156 -20.21 0.56 8.86
C SER A 156 -20.56 -0.45 9.98
N ALA A 157 -19.77 -1.51 10.11
CA ALA A 157 -20.06 -2.58 11.05
C ALA A 157 -19.81 -2.15 12.48
N GLN A 158 -18.73 -1.42 12.67
CA GLN A 158 -18.35 -0.99 14.01
C GLN A 158 -18.79 0.43 14.34
N LYS A 159 -19.43 1.12 13.38
CA LYS A 159 -19.80 2.54 13.56
C LYS A 159 -18.59 3.38 13.98
N VAL A 160 -17.53 3.27 13.19
CA VAL A 160 -16.29 4.00 13.36
C VAL A 160 -15.95 4.71 12.05
N ALA A 161 -14.77 5.30 11.94
CA ALA A 161 -14.45 6.17 10.81
C ALA A 161 -14.00 5.37 9.59
N ASN A 162 -14.36 5.85 8.40
CA ASN A 162 -13.77 5.40 7.15
C ASN A 162 -12.37 6.00 7.03
N ARG A 163 -11.43 5.29 7.66
CA ARG A 163 -10.12 5.80 8.01
C ARG A 163 -9.33 4.61 8.52
N PHE A 164 -8.09 4.51 8.09
CA PHE A 164 -7.24 3.45 8.59
C PHE A 164 -5.80 3.92 8.79
N LEU A 165 -5.10 3.21 9.65
CA LEU A 165 -3.72 3.48 9.97
C LEU A 165 -2.88 2.28 9.56
N LEU A 166 -1.76 2.54 8.90
CA LEU A 166 -0.76 1.52 8.59
C LEU A 166 0.58 1.88 9.17
N CYS A 167 1.23 0.89 9.76
CA CYS A 167 2.63 0.98 10.17
C CYS A 167 3.22 -0.30 9.60
N LEU A 168 3.66 -0.24 8.34
CA LEU A 168 4.20 -1.41 7.67
C LEU A 168 5.59 -1.70 8.17
N PRO A 169 5.83 -2.97 8.47
CA PRO A 169 7.13 -3.38 9.04
C PRO A 169 8.18 -3.78 7.97
N THR A 170 9.44 -3.62 8.33
CA THR A 170 10.55 -4.27 7.60
C THR A 170 10.67 -5.73 8.00
N GLY A 171 10.28 -6.01 9.25
CA GLY A 171 10.30 -7.35 9.82
C GLY A 171 9.66 -7.23 11.19
N GLY A 172 9.16 -8.35 11.71
CA GLY A 172 8.32 -8.33 12.90
C GLY A 172 6.91 -7.85 12.54
N PRO A 173 5.99 -7.91 13.49
CA PRO A 173 4.58 -7.56 13.26
C PRO A 173 4.39 -6.05 13.29
N GLY A 174 4.04 -5.47 12.16
CA GLY A 174 3.52 -4.12 12.18
C GLY A 174 2.06 -4.04 12.53
N VAL A 175 1.45 -2.90 12.17
CA VAL A 175 0.16 -2.51 12.65
C VAL A 175 -0.77 -2.01 11.54
N ALA A 176 -2.02 -2.47 11.58
CA ALA A 176 -3.12 -1.90 10.79
C ALA A 176 -4.27 -1.68 11.73
N ILE A 177 -4.83 -0.47 11.73
CA ILE A 177 -5.98 -0.17 12.56
C ILE A 177 -7.03 0.43 11.70
N PHE A 178 -8.21 -0.17 11.74
CA PHE A 178 -9.34 0.28 10.94
C PHE A 178 -10.36 0.99 11.82
N GLY A 179 -10.53 2.29 11.60
CA GLY A 179 -11.62 3.03 12.20
C GLY A 179 -11.29 4.32 12.93
N GLY A 180 -10.02 4.73 12.92
CA GLY A 180 -9.61 6.02 13.44
C GLY A 180 -9.35 6.04 14.95
N GLY A 181 -9.81 7.10 15.59
CA GLY A 181 -9.37 7.42 16.94
C GLY A 181 -8.11 8.25 16.87
N PRO A 182 -7.66 8.76 18.01
CA PRO A 182 -6.41 9.52 18.02
C PRO A 182 -5.24 8.66 17.51
N VAL A 183 -4.38 9.28 16.72
CA VAL A 183 -3.22 8.58 16.18
C VAL A 183 -2.34 8.14 17.37
N PRO A 184 -1.99 6.85 17.43
CA PRO A 184 -1.15 6.35 18.54
C PRO A 184 0.32 6.78 18.48
N TRP A 185 1.03 6.41 19.54
CA TRP A 185 2.46 6.69 19.68
C TRP A 185 2.77 8.19 19.56
N PRO A 186 2.15 9.03 20.40
CA PRO A 186 2.31 10.49 20.24
C PRO A 186 3.76 10.94 20.44
N GLN A 187 4.60 10.12 21.07
CA GLN A 187 6.02 10.44 21.18
C GLN A 187 6.65 10.55 19.79
N PHE A 188 6.06 9.87 18.82
CA PHE A 188 6.53 9.89 17.45
C PHE A 188 5.57 10.68 16.53
N THR A 189 4.30 10.74 16.85
CA THR A 189 3.32 11.24 15.88
C THR A 189 2.61 12.55 16.29
N GLN A 190 3.01 13.15 17.41
CA GLN A 190 2.31 14.36 17.88
C GLN A 190 2.32 15.51 16.87
N SER A 191 3.33 15.56 16.03
CA SER A 191 3.45 16.64 15.04
C SER A 191 3.41 16.08 13.63
N MET A 192 2.67 15.00 13.46
CA MET A 192 2.46 14.35 12.16
C MET A 192 2.04 15.36 11.10
N PRO A 193 2.77 15.41 10.00
CA PRO A 193 2.31 16.21 8.84
C PRO A 193 1.18 15.54 8.09
N TYR A 194 0.39 16.36 7.44
CA TYR A 194 -0.67 15.88 6.59
C TYR A 194 -0.58 16.52 5.21
N THR A 195 -1.07 15.76 4.23
CA THR A 195 -1.22 16.25 2.87
C THR A 195 -2.58 15.78 2.35
N PRO A 196 -3.26 16.56 1.50
CA PRO A 196 -4.58 16.14 1.03
C PRO A 196 -4.55 14.81 0.25
N LEU A 197 -5.58 14.02 0.46
CA LEU A 197 -5.89 12.94 -0.44
C LEU A 197 -6.74 13.45 -1.61
N VAL A 198 -6.28 13.13 -2.82
CA VAL A 198 -6.92 13.55 -4.04
C VAL A 198 -7.71 12.38 -4.62
N THR A 199 -9.00 12.60 -4.84
CA THR A 199 -9.85 11.62 -5.49
C THR A 199 -9.76 11.84 -7.00
N LYS A 200 -9.45 10.79 -7.72
CA LYS A 200 -9.39 10.83 -9.18
C LYS A 200 -10.59 10.07 -9.74
N GLY A 201 -11.26 10.67 -10.72
CA GLY A 201 -12.34 10.00 -11.41
C GLY A 201 -11.96 8.64 -11.95
N GLY A 202 -12.81 7.65 -11.68
CA GLY A 202 -12.63 6.32 -12.23
C GLY A 202 -11.62 5.45 -11.51
N SER A 203 -11.03 5.97 -10.42
CA SER A 203 -10.07 5.21 -9.61
C SER A 203 -10.43 5.33 -8.13
N PRO A 204 -10.36 4.22 -7.38
CA PRO A 204 -10.58 4.25 -5.93
C PRO A 204 -9.29 4.46 -5.14
N ALA A 205 -8.17 4.56 -5.83
CA ALA A 205 -6.85 4.59 -5.19
C ALA A 205 -6.62 5.90 -4.45
N HIS A 206 -5.61 5.83 -3.58
CA HIS A 206 -5.13 6.95 -2.76
C HIS A 206 -4.05 7.70 -3.50
N TYR A 207 -4.32 8.99 -3.78
CA TYR A 207 -3.37 9.86 -4.47
C TYR A 207 -3.07 11.08 -3.61
N ILE A 208 -1.82 11.53 -3.68
CA ILE A 208 -1.42 12.79 -3.08
C ILE A 208 -0.64 13.59 -4.12
N SER A 209 -0.21 14.79 -3.75
CA SER A 209 0.45 15.71 -4.71
C SER A 209 1.85 16.09 -4.25
N ALA A 210 2.85 15.77 -5.06
CA ALA A 210 4.22 16.24 -4.86
C ALA A 210 4.44 17.46 -5.75
N ARG A 211 5.09 18.48 -5.21
CA ARG A 211 5.38 19.69 -5.99
C ARG A 211 6.86 19.72 -6.35
N SER A 212 7.69 19.01 -5.60
CA SER A 212 9.12 18.98 -5.86
C SER A 212 9.76 17.66 -5.47
N ILE A 213 10.89 17.37 -6.08
CA ILE A 213 11.71 16.23 -5.74
C ILE A 213 13.13 16.73 -5.54
N VAL A 214 13.75 16.27 -4.47
CA VAL A 214 15.08 16.74 -4.08
C VAL A 214 15.94 15.54 -3.81
N VAL A 215 17.15 15.54 -4.36
CA VAL A 215 18.15 14.56 -4.04
C VAL A 215 19.27 15.28 -3.27
N GLY A 216 19.60 14.79 -2.09
CA GLY A 216 20.44 15.54 -1.17
C GLY A 216 19.87 16.90 -0.82
N ASP A 217 20.49 17.95 -1.35
CA ASP A 217 19.99 19.32 -1.16
C ASP A 217 19.60 19.98 -2.48
N THR A 218 19.66 19.25 -3.58
CA THR A 218 19.42 19.85 -4.89
C THR A 218 18.13 19.36 -5.53
N ARG A 219 17.30 20.33 -5.91
CA ARG A 219 16.06 20.06 -6.57
C ARG A 219 16.34 19.37 -7.90
N VAL A 220 15.53 18.36 -8.20
CA VAL A 220 15.61 17.63 -9.43
C VAL A 220 14.76 18.37 -10.45
N PRO A 221 15.37 18.85 -11.54
CA PRO A 221 14.59 19.53 -12.60
C PRO A 221 13.71 18.53 -13.31
N VAL A 222 12.43 18.87 -13.47
CA VAL A 222 11.49 18.05 -14.22
C VAL A 222 10.76 18.92 -15.24
N PRO A 223 10.25 18.34 -16.32
CA PRO A 223 9.51 19.14 -17.31
C PRO A 223 8.28 19.82 -16.75
N GLU A 224 7.87 20.86 -17.46
CA GLU A 224 6.72 21.68 -17.11
C GLU A 224 5.46 20.84 -16.89
N GLY A 225 4.82 21.02 -15.73
CA GLY A 225 3.60 20.32 -15.39
C GLY A 225 3.76 18.86 -15.01
N ALA A 226 5.00 18.38 -14.94
CA ALA A 226 5.28 16.96 -14.66
C ALA A 226 4.71 16.54 -13.30
N LEU A 227 4.77 17.45 -12.34
CA LEU A 227 4.34 17.15 -10.96
C LEU A 227 3.08 17.97 -10.74
N ALA A 228 1.97 17.25 -10.70
CA ALA A 228 0.64 17.85 -10.77
C ALA A 228 -0.23 17.29 -9.66
N THR A 229 -1.37 17.91 -9.47
CA THR A 229 -2.29 17.54 -8.40
C THR A 229 -2.67 16.07 -8.55
N GLY A 230 -2.54 15.30 -7.46
CA GLY A 230 -2.84 13.88 -7.48
C GLY A 230 -1.87 13.01 -8.27
N GLY A 231 -0.67 13.50 -8.51
CA GLY A 231 0.32 12.82 -9.32
C GLY A 231 1.12 11.72 -8.65
N VAL A 232 0.86 11.51 -7.35
CA VAL A 232 1.57 10.49 -6.58
C VAL A 232 0.54 9.48 -6.06
N MET A 233 0.66 8.22 -6.47
CA MET A 233 -0.23 7.18 -5.96
C MET A 233 0.49 6.38 -4.91
N LEU A 234 -0.28 5.87 -3.93
CA LEU A 234 0.25 4.94 -2.94
C LEU A 234 -0.14 3.50 -3.31
N SER A 235 0.82 2.59 -3.17
CA SER A 235 0.64 1.20 -3.60
C SER A 235 1.36 0.26 -2.64
N THR A 236 0.73 -0.86 -2.32
CA THR A 236 1.40 -1.93 -1.56
C THR A 236 1.65 -3.17 -2.45
N ARG A 237 1.56 -3.00 -3.77
CA ARG A 237 1.72 -4.12 -4.70
C ARG A 237 3.16 -4.45 -5.02
N LEU A 238 4.02 -3.43 -5.00
CA LEU A 238 5.45 -3.60 -5.27
C LEU A 238 6.25 -2.92 -4.15
N PRO A 239 7.44 -3.42 -3.86
CA PRO A 239 8.27 -2.81 -2.81
C PRO A 239 8.98 -1.52 -3.23
N TYR A 240 9.05 -1.28 -4.53
CA TYR A 240 9.80 -0.17 -5.08
C TYR A 240 8.90 0.89 -5.66
N VAL A 241 9.50 2.04 -5.99
CA VAL A 241 8.79 3.14 -6.59
C VAL A 241 8.76 2.97 -8.11
N LEU A 242 7.59 3.18 -8.69
CA LEU A 242 7.48 3.37 -10.15
C LEU A 242 7.45 4.84 -10.53
N LEU A 243 8.23 5.21 -11.53
CA LEU A 243 8.30 6.58 -12.00
C LEU A 243 7.98 6.68 -13.48
N ARG A 244 7.16 7.64 -13.83
CA ARG A 244 6.83 7.95 -15.22
C ARG A 244 8.11 8.48 -15.87
N PRO A 245 8.34 8.23 -17.16
CA PRO A 245 9.64 8.56 -17.77
C PRO A 245 10.15 10.01 -17.64
N ASP A 246 9.24 10.99 -17.61
CA ASP A 246 9.65 12.39 -17.42
C ASP A 246 10.31 12.68 -16.05
N VAL A 247 9.99 11.86 -15.05
CA VAL A 247 10.55 11.98 -13.70
C VAL A 247 11.67 10.94 -13.48
N TYR A 248 11.53 9.76 -14.05
CA TYR A 248 12.50 8.72 -13.87
C TYR A 248 13.92 9.14 -14.22
N ARG A 249 14.09 9.66 -15.44
CA ARG A 249 15.44 9.97 -15.88
C ARG A 249 16.16 11.04 -15.03
N PRO A 250 15.58 12.20 -14.83
CA PRO A 250 16.24 13.21 -13.98
C PRO A 250 16.45 12.72 -12.55
N LEU A 251 15.51 11.96 -11.98
CA LEU A 251 15.71 11.47 -10.62
C LEU A 251 16.85 10.46 -10.55
N MET A 252 16.86 9.47 -11.42
CA MET A 252 17.89 8.45 -11.36
C MET A 252 19.28 9.04 -11.64
N ASP A 253 19.34 9.96 -12.61
CA ASP A 253 20.60 10.63 -12.93
C ASP A 253 21.11 11.38 -11.71
N ALA A 254 20.21 12.06 -11.01
CA ALA A 254 20.64 12.86 -9.85
C ALA A 254 21.16 11.94 -8.75
N PHE A 255 20.42 10.85 -8.49
CA PHE A 255 20.76 9.90 -7.44
C PHE A 255 22.10 9.21 -7.73
N THR A 256 22.31 8.73 -8.96
CA THR A 256 23.53 7.99 -9.26
C THR A 256 24.73 8.92 -9.32
N LYS A 257 24.54 10.15 -9.78
CA LYS A 257 25.62 11.14 -9.80
C LYS A 257 26.02 11.51 -8.39
N ALA A 258 25.04 11.75 -7.51
CA ALA A 258 25.34 12.07 -6.11
C ALA A 258 26.02 10.92 -5.38
N LEU A 259 25.62 9.69 -5.71
CA LEU A 259 26.21 8.51 -5.09
C LEU A 259 27.67 8.34 -5.52
N ALA A 260 27.96 8.67 -6.77
CA ALA A 260 29.31 8.51 -7.33
C ALA A 260 30.26 9.57 -6.77
N ALA A 261 29.72 10.69 -6.28
CA ALA A 261 30.53 11.77 -5.72
C ALA A 261 30.92 11.52 -4.25
N GLN A 262 30.16 10.67 -3.54
CA GLN A 262 30.42 10.42 -2.12
C GLN A 262 31.82 9.85 -1.88
N ALA A 270 31.18 3.69 -4.54
CA ALA A 270 30.16 2.70 -4.86
C ALA A 270 30.41 2.12 -6.25
N ARG A 271 30.25 0.81 -6.37
CA ARG A 271 30.54 0.10 -7.61
C ARG A 271 29.24 -0.47 -8.17
N ALA A 272 28.80 0.02 -9.31
CA ALA A 272 27.61 -0.50 -9.94
C ALA A 272 27.87 -1.88 -10.52
N VAL A 273 26.81 -2.68 -10.59
CA VAL A 273 26.86 -4.04 -11.10
C VAL A 273 25.72 -4.26 -12.06
N GLU A 274 25.76 -5.38 -12.79
CA GLU A 274 24.75 -5.66 -13.77
C GLU A 274 23.34 -5.59 -13.13
N ALA A 275 22.41 -4.94 -13.82
CA ALA A 275 21.06 -4.78 -13.28
C ALA A 275 20.37 -6.12 -13.15
N VAL A 276 19.66 -6.29 -12.04
CA VAL A 276 18.76 -7.42 -11.82
C VAL A 276 17.35 -6.97 -12.08
N ALA A 277 16.65 -7.65 -12.98
CA ALA A 277 15.28 -7.27 -13.31
C ALA A 277 14.38 -7.38 -12.08
N PRO A 278 13.44 -6.47 -11.88
CA PRO A 278 13.05 -5.43 -12.82
C PRO A 278 13.78 -4.09 -12.70
N PHE A 279 14.87 -4.05 -11.94
CA PHE A 279 15.55 -2.80 -11.63
C PHE A 279 16.49 -2.37 -12.74
N GLY A 280 16.76 -1.07 -12.80
CA GLY A 280 17.63 -0.48 -13.82
C GLY A 280 19.06 -0.25 -13.40
N VAL A 281 19.27 0.00 -12.10
CA VAL A 281 20.56 0.33 -11.53
C VAL A 281 20.75 -0.45 -10.23
N CYS A 282 21.87 -1.16 -10.13
CA CYS A 282 22.20 -1.98 -8.98
C CYS A 282 23.65 -1.81 -8.58
N TYR A 283 23.96 -2.03 -7.30
CA TYR A 283 25.31 -1.86 -6.76
C TYR A 283 25.76 -3.06 -5.94
N ASP A 284 27.06 -3.28 -5.93
CA ASP A 284 27.71 -4.25 -5.07
C ASP A 284 27.67 -3.72 -3.64
N THR A 285 27.01 -4.44 -2.74
CA THR A 285 26.77 -3.95 -1.37
C THR A 285 28.04 -3.83 -0.55
N LYS A 286 29.09 -4.55 -0.94
CA LYS A 286 30.40 -4.40 -0.30
C LYS A 286 31.01 -3.00 -0.46
N THR A 287 30.53 -2.25 -1.46
CA THR A 287 31.00 -0.88 -1.73
C THR A 287 30.06 0.21 -1.24
N LEU A 288 29.00 -0.18 -0.54
CA LEU A 288 28.07 0.78 0.06
C LEU A 288 28.30 0.85 1.56
N GLY A 289 28.43 2.08 2.07
CA GLY A 289 28.52 2.33 3.48
C GLY A 289 27.16 2.21 4.13
N ASN A 290 27.10 2.40 5.44
CA ASN A 290 25.84 2.32 6.16
C ASN A 290 25.80 3.46 7.18
N ASN A 291 24.66 4.13 7.27
CA ASN A 291 24.42 5.16 8.30
C ASN A 291 23.11 4.84 9.00
N LEU A 292 22.60 5.78 9.79
CA LEU A 292 21.40 5.52 10.59
C LEU A 292 20.19 5.19 9.73
N GLY A 293 20.18 5.68 8.49
CA GLY A 293 19.04 5.49 7.59
C GLY A 293 19.09 4.27 6.69
N GLY A 294 20.15 3.46 6.82
CA GLY A 294 20.38 2.29 6.00
C GLY A 294 21.62 2.49 5.14
N TYR A 295 21.59 1.93 3.93
CA TYR A 295 22.69 2.17 2.99
C TYR A 295 22.98 3.66 2.85
N ALA A 296 24.27 4.03 2.81
CA ALA A 296 24.67 5.42 2.74
C ALA A 296 24.62 5.87 1.31
N VAL A 297 23.41 6.24 0.90
CA VAL A 297 23.12 6.73 -0.42
C VAL A 297 22.40 8.10 -0.26
N PRO A 298 22.32 8.87 -1.32
CA PRO A 298 21.70 10.19 -1.24
C PRO A 298 20.27 10.13 -0.74
N ASN A 299 19.96 11.00 0.21
CA ASN A 299 18.58 11.18 0.66
C ASN A 299 17.72 11.69 -0.46
N VAL A 300 16.50 11.20 -0.57
CA VAL A 300 15.54 11.72 -1.53
C VAL A 300 14.31 12.23 -0.79
N GLN A 301 13.86 13.44 -1.12
CA GLN A 301 12.70 14.06 -0.47
C GLN A 301 11.64 14.37 -1.54
N LEU A 302 10.39 14.02 -1.26
CA LEU A 302 9.24 14.46 -2.02
C LEU A 302 8.55 15.59 -1.27
N GLY A 303 8.54 16.79 -1.84
CA GLY A 303 7.84 17.91 -1.24
C GLY A 303 6.38 17.84 -1.55
N LEU A 304 5.55 17.65 -0.54
CA LEU A 304 4.14 17.46 -0.75
C LEU A 304 3.31 18.69 -0.48
N ASP A 305 2.12 18.75 -1.04
CA ASP A 305 1.15 19.78 -0.71
C ASP A 305 0.97 19.81 0.80
N GLY A 306 0.96 21.01 1.35
CA GLY A 306 0.85 21.22 2.79
C GLY A 306 2.20 21.63 3.35
N GLY A 307 3.26 21.52 2.53
CA GLY A 307 4.58 22.02 2.90
C GLY A 307 5.56 21.09 3.60
N SER A 308 5.18 19.84 3.85
CA SER A 308 6.06 18.88 4.48
C SER A 308 6.67 17.91 3.45
N ASP A 309 7.75 17.25 3.83
CA ASP A 309 8.47 16.35 2.94
C ASP A 309 8.27 14.91 3.37
N TRP A 310 8.12 14.04 2.36
CA TRP A 310 8.20 12.60 2.54
C TRP A 310 9.62 12.19 2.21
N THR A 311 10.38 11.72 3.21
CA THR A 311 11.79 11.42 3.00
C THR A 311 12.04 9.93 2.78
N MET A 312 12.99 9.65 1.88
CA MET A 312 13.52 8.33 1.62
C MET A 312 15.01 8.28 1.95
N THR A 313 15.38 7.36 2.82
CA THR A 313 16.79 7.05 3.11
C THR A 313 17.12 5.71 2.48
N GLY A 314 18.31 5.18 2.74
CA GLY A 314 18.76 3.95 2.09
C GLY A 314 17.80 2.77 2.24
N LYS A 315 17.17 2.68 3.40
CA LYS A 315 16.23 1.60 3.67
C LYS A 315 14.97 1.68 2.79
N ASN A 316 14.74 2.87 2.22
CA ASN A 316 13.59 3.15 1.37
C ASN A 316 13.96 3.17 -0.11
N SER A 317 15.22 3.54 -0.40
CA SER A 317 15.60 3.80 -1.79
C SER A 317 16.44 2.68 -2.38
N MET A 318 16.79 1.69 -1.57
CA MET A 318 17.62 0.57 -2.00
C MET A 318 16.95 -0.74 -1.59
N VAL A 319 16.90 -1.70 -2.51
CA VAL A 319 16.30 -3.01 -2.22
C VAL A 319 17.38 -4.07 -2.31
N ASP A 320 17.49 -4.87 -1.25
CA ASP A 320 18.36 -6.05 -1.28
C ASP A 320 17.74 -7.16 -2.10
N VAL A 321 18.37 -7.50 -3.23
CA VAL A 321 17.79 -8.47 -4.15
C VAL A 321 18.39 -9.86 -4.04
N LYS A 322 19.67 -9.92 -3.67
CA LYS A 322 20.41 -11.16 -3.46
C LYS A 322 21.75 -10.81 -2.84
N GLN A 323 22.38 -11.74 -2.13
CA GLN A 323 23.63 -11.43 -1.44
C GLN A 323 24.61 -10.78 -2.39
N GLY A 324 25.19 -9.67 -1.98
CA GLY A 324 26.15 -8.94 -2.78
C GLY A 324 25.58 -7.81 -3.63
N THR A 325 24.25 -7.74 -3.78
CA THR A 325 23.62 -6.78 -4.69
C THR A 325 22.41 -6.09 -4.08
N ALA A 326 22.39 -4.76 -4.15
CA ALA A 326 21.21 -3.97 -3.82
C ALA A 326 20.93 -3.02 -4.97
N CYS A 327 19.66 -2.86 -5.30
CA CYS A 327 19.25 -2.09 -6.45
C CYS A 327 18.53 -0.84 -6.02
N VAL A 328 18.66 0.21 -6.80
CA VAL A 328 17.94 1.44 -6.54
C VAL A 328 16.44 1.19 -6.75
N ALA A 329 15.67 1.57 -5.74
CA ALA A 329 14.21 1.32 -5.70
C ALA A 329 13.36 2.27 -6.53
N PHE A 330 13.92 2.77 -7.64
CA PHE A 330 13.20 3.59 -8.61
C PHE A 330 13.23 2.87 -9.95
N VAL A 331 12.05 2.54 -10.46
CA VAL A 331 11.90 1.71 -11.66
C VAL A 331 11.04 2.49 -12.63
N GLU A 332 11.45 2.54 -13.91
CA GLU A 332 10.73 3.31 -14.91
C GLU A 332 9.49 2.57 -15.34
N MET A 333 8.38 3.30 -15.41
CA MET A 333 7.14 2.77 -15.96
C MET A 333 7.38 2.47 -17.43
N LYS A 334 6.93 1.31 -17.88
CA LYS A 334 7.01 0.94 -19.29
C LYS A 334 5.62 0.50 -19.76
N GLY A 335 5.31 0.79 -21.02
CA GLY A 335 4.00 0.47 -21.59
C GLY A 335 3.01 1.63 -21.45
N VAL A 336 1.82 1.32 -20.95
CA VAL A 336 0.70 2.27 -20.93
C VAL A 336 0.95 3.36 -19.89
N ALA A 343 -1.95 9.26 -15.86
CA ALA A 343 -1.05 8.26 -15.27
C ALA A 343 -0.13 8.94 -14.25
N PRO A 344 0.04 8.34 -13.06
CA PRO A 344 0.74 9.06 -11.99
C PRO A 344 2.21 9.26 -12.36
N ALA A 345 2.79 10.37 -11.95
CA ALA A 345 4.24 10.60 -12.07
C ALA A 345 5.03 9.60 -11.22
N VAL A 346 4.49 9.32 -10.03
CA VAL A 346 5.16 8.53 -9.02
C VAL A 346 4.14 7.57 -8.39
N ILE A 347 4.53 6.32 -8.23
CA ILE A 347 3.78 5.35 -7.42
C ILE A 347 4.71 4.86 -6.30
N LEU A 348 4.45 5.35 -5.09
CA LEU A 348 5.19 4.93 -3.92
C LEU A 348 4.75 3.53 -3.56
N GLY A 349 5.72 2.71 -3.21
CA GLY A 349 5.52 1.33 -2.84
C GLY A 349 5.82 1.00 -1.39
N GLY A 350 5.93 -0.29 -1.12
CA GLY A 350 5.92 -0.75 0.26
C GLY A 350 7.08 -0.28 1.09
N ALA A 351 8.27 -0.34 0.52
CA ALA A 351 9.47 -0.05 1.28
C ALA A 351 9.65 1.46 1.51
N GLN A 352 8.87 2.29 0.81
CA GLN A 352 8.83 3.72 1.07
C GLN A 352 7.81 4.07 2.14
N MET A 353 6.85 3.17 2.38
CA MET A 353 5.89 3.28 3.47
C MET A 353 6.35 2.62 4.78
N GLU A 354 7.26 1.67 4.71
CA GLU A 354 7.76 0.96 5.90
C GLU A 354 8.30 1.95 6.94
N ASP A 355 7.99 1.70 8.18
CA ASP A 355 8.44 2.54 9.28
C ASP A 355 7.99 4.01 9.20
N PHE A 356 6.87 4.24 8.52
CA PHE A 356 6.07 5.44 8.68
C PHE A 356 4.75 5.05 9.34
N VAL A 357 4.25 5.89 10.23
CA VAL A 357 2.88 5.76 10.66
C VAL A 357 2.06 6.57 9.64
N LEU A 358 1.14 5.90 8.97
CA LEU A 358 0.32 6.51 7.92
C LEU A 358 -1.14 6.50 8.32
N ASP A 359 -1.75 7.67 8.30
CA ASP A 359 -3.16 7.87 8.66
C ASP A 359 -3.92 8.23 7.40
N PHE A 360 -4.60 7.22 6.81
CA PHE A 360 -5.34 7.39 5.61
C PHE A 360 -6.76 7.76 6.01
N ASP A 361 -7.08 9.04 5.95
CA ASP A 361 -8.35 9.55 6.48
C ASP A 361 -9.29 9.98 5.34
N MET A 362 -10.23 9.10 4.97
CA MET A 362 -11.10 9.38 3.84
C MET A 362 -12.27 10.30 4.21
N GLU A 363 -12.40 10.66 5.48
CA GLU A 363 -13.43 11.59 5.93
C GLU A 363 -12.93 13.04 5.93
N LYS A 364 -11.73 13.26 6.46
CA LYS A 364 -11.05 14.55 6.36
C LYS A 364 -10.30 14.68 5.03
N LYS A 365 -10.29 13.61 4.23
CA LYS A 365 -9.61 13.56 2.92
C LYS A 365 -8.16 14.01 3.01
N ARG A 366 -7.44 13.38 3.91
CA ARG A 366 -6.04 13.66 4.10
C ARG A 366 -5.26 12.43 4.49
N LEU A 367 -3.97 12.46 4.18
CA LEU A 367 -3.01 11.43 4.59
C LEU A 367 -2.00 12.04 5.55
N GLY A 368 -1.92 11.46 6.74
CA GLY A 368 -0.87 11.78 7.70
C GLY A 368 0.29 10.85 7.54
N PHE A 369 1.50 11.38 7.66
CA PHE A 369 2.66 10.59 7.38
C PHE A 369 3.80 10.92 8.35
N SER A 370 3.97 10.09 9.36
CA SER A 370 5.03 10.28 10.36
C SER A 370 6.15 9.26 10.22
N ARG A 371 7.30 9.70 9.74
CA ARG A 371 8.44 8.86 9.61
C ARG A 371 8.99 8.55 10.99
N LEU A 372 9.11 7.28 11.33
CA LEU A 372 9.62 6.89 12.65
C LEU A 372 11.11 7.16 12.75
N PRO A 373 11.57 7.50 13.95
CA PRO A 373 13.02 7.68 14.14
C PRO A 373 13.82 6.42 13.94
N HIS A 374 15.12 6.57 13.68
CA HIS A 374 16.00 5.48 13.27
C HIS A 374 16.08 4.35 14.26
N PHE A 375 15.86 4.64 15.54
CA PHE A 375 16.07 3.65 16.59
C PHE A 375 14.82 2.80 16.89
N THR A 376 13.76 2.98 16.13
CA THR A 376 12.59 2.15 16.28
C THR A 376 12.08 1.81 14.88
N GLY A 377 10.84 1.36 14.79
CA GLY A 377 10.26 0.87 13.57
C GLY A 377 8.89 0.27 13.87
N CYS A 378 8.14 -0.04 12.83
CA CYS A 378 6.80 -0.53 13.02
C CYS A 378 6.76 -1.93 13.61
N GLY A 379 7.76 -2.74 13.32
CA GLY A 379 7.75 -4.12 13.77
C GLY A 379 7.86 -4.20 15.27
N GLY A 380 6.88 -4.81 15.90
CA GLY A 380 6.79 -4.86 17.36
C GLY A 380 6.32 -3.59 18.04
N LEU A 381 5.95 -2.57 17.26
CA LEU A 381 5.42 -1.34 17.84
C LEU A 381 3.99 -1.54 18.37
C1 GOL B . -9.50 12.84 16.58
O1 GOL B . -8.24 13.25 16.12
C2 GOL B . -10.34 12.37 15.42
O2 GOL B . -10.68 13.41 14.52
C3 GOL B . -11.61 11.75 15.96
O3 GOL B . -11.44 10.38 16.19
#